data_4FMO
#
_entry.id   4FMO
#
_cell.length_a   193.700
_cell.length_b   66.140
_cell.length_c   74.470
_cell.angle_alpha   90.00
_cell.angle_beta   91.28
_cell.angle_gamma   90.00
#
_symmetry.space_group_name_H-M   'C 1 2 1'
#
loop_
_entity.id
_entity.type
_entity.pdbx_description
1 polymer 'DNA mismatch repair protein MLH1'
2 polymer 'DNA mismatch repair protein PMS1'
3 polymer 'DNA repair peptide'
4 non-polymer 'MAGNESIUM ION'
5 non-polymer 'ZINC ION'
6 water water
#
loop_
_entity_poly.entity_id
_entity_poly.type
_entity_poly.pdbx_seq_one_letter_code
_entity_poly.pdbx_strand_id
1 'polypeptide(L)'
;GAMADDEKNALPISKDGYIRVPKERVNVNLTSIKKLREKVDDSIHRELTDIFANLNYVGVVDEERRLAAIQHDLKLFLID
YGSVCYELFYQIGLTDFANFGKINLQSTNVSDDIVLYNLLSEFDELNDDASKEKIISKIWDMSSMLNEYYSIELVNDGLD
NDLKSVKLKSLPLLLKGYIPSLVKLPFFIYRLGKEVDWEDEQECLDGILREIALLYIPDMVPKVDTSDASLSEDEKAQFI
NRKEHISSLLEHVLFPCIKRRFLAPRHILKDVVEIANLPDLYKVFERC
;
A
2 'polypeptide(L)'
;GSKRKSEAQENIIKNKDELEDFEQGEKYLTLTVSKNDFKKMEVVGQFNLGFIIVTRKVDNKYDLFIVDQHASDEKYNFET
LQAVTVFKSQKLIIPQPVELSVIDELVVLDNLPVFEKNGFKLKIDEEEEFGSRVKLLSLPTSKQTLFDLGDFNELIHLIK
EDGGLRRDNIRCSKIRSMFAMRACRSSIMIGKPLNKKTMTRVVHNLSELDKPWNCPHGRPTMRHLMELRDWSSFSKDYEI
;
B
3 'polypeptide(L)' TRSKFFNK C
#
# COMPACT_ATOMS: atom_id res chain seq x y z
N ARG A 25 1.93 -38.84 12.03
CA ARG A 25 0.74 -37.99 11.96
C ARG A 25 -0.38 -38.53 12.85
N VAL A 26 -1.21 -37.61 13.37
CA VAL A 26 -2.18 -37.86 14.44
C VAL A 26 -3.56 -37.58 13.90
N ASN A 27 -4.49 -38.54 13.99
CA ASN A 27 -5.83 -38.22 13.54
C ASN A 27 -6.61 -37.67 14.71
N VAL A 28 -7.28 -36.52 14.48
CA VAL A 28 -8.10 -35.87 15.50
C VAL A 28 -9.49 -36.52 15.59
N ASN A 29 -9.58 -37.53 16.47
CA ASN A 29 -10.83 -38.24 16.75
C ASN A 29 -11.77 -37.38 17.60
N LEU A 30 -11.26 -36.27 18.19
CA LEU A 30 -12.00 -35.36 19.07
C LEU A 30 -13.29 -34.79 18.54
N THR A 31 -14.32 -34.77 19.42
CA THR A 31 -15.63 -34.21 19.08
C THR A 31 -15.63 -32.70 19.08
N SER A 32 -14.77 -32.07 19.88
CA SER A 32 -14.72 -30.61 19.96
C SER A 32 -14.26 -29.92 18.70
N ILE A 33 -13.18 -30.45 18.11
CA ILE A 33 -12.58 -29.90 16.92
C ILE A 33 -13.54 -29.95 15.74
N LYS A 34 -14.26 -31.09 15.59
CA LYS A 34 -15.25 -31.30 14.53
C LYS A 34 -16.39 -30.28 14.56
N LYS A 35 -16.96 -30.02 15.76
CA LYS A 35 -17.99 -28.99 15.92
C LYS A 35 -17.47 -27.59 15.48
N LEU A 36 -16.21 -27.27 15.82
CA LEU A 36 -15.62 -25.99 15.43
C LEU A 36 -15.33 -25.89 13.93
N ARG A 37 -15.00 -27.06 13.31
CA ARG A 37 -14.72 -27.13 11.88
C ARG A 37 -16.05 -27.00 11.08
N GLU A 38 -17.12 -27.59 11.63
CA GLU A 38 -18.44 -27.51 11.03
C GLU A 38 -18.93 -26.06 11.09
N LYS A 39 -18.71 -25.37 12.24
CA LYS A 39 -19.09 -23.99 12.44
C LYS A 39 -18.43 -23.09 11.38
N VAL A 40 -17.14 -23.37 10.98
CA VAL A 40 -16.41 -22.63 9.93
C VAL A 40 -17.11 -22.90 8.58
N ASP A 41 -17.34 -24.20 8.28
CA ASP A 41 -18.03 -24.64 7.08
C ASP A 41 -19.40 -23.94 6.92
N ASP A 42 -20.16 -23.76 8.03
CA ASP A 42 -21.46 -23.10 7.97
C ASP A 42 -21.39 -21.59 7.68
N SER A 43 -20.24 -20.95 7.92
CA SER A 43 -20.10 -19.51 7.72
C SER A 43 -19.47 -19.12 6.39
N ILE A 44 -18.97 -20.10 5.61
CA ILE A 44 -18.28 -19.85 4.35
C ILE A 44 -19.11 -19.15 3.32
N HIS A 45 -18.63 -17.98 2.88
CA HIS A 45 -19.25 -17.19 1.83
C HIS A 45 -18.58 -17.58 0.50
N ARG A 46 -19.32 -18.27 -0.36
CA ARG A 46 -18.87 -18.79 -1.66
C ARG A 46 -18.25 -17.72 -2.54
N GLU A 47 -18.99 -16.61 -2.77
CA GLU A 47 -18.60 -15.49 -3.64
C GLU A 47 -17.40 -14.72 -3.09
N LEU A 48 -17.39 -14.49 -1.75
CA LEU A 48 -16.25 -13.78 -1.16
C LEU A 48 -15.00 -14.63 -1.16
N THR A 49 -15.15 -15.96 -1.06
CA THR A 49 -14.07 -16.94 -1.10
C THR A 49 -13.46 -16.97 -2.46
N ASP A 50 -14.30 -16.86 -3.52
CA ASP A 50 -13.81 -16.82 -4.89
C ASP A 50 -12.93 -15.58 -5.13
N ILE A 51 -13.32 -14.44 -4.54
CA ILE A 51 -12.55 -13.19 -4.60
C ILE A 51 -11.12 -13.38 -4.05
N PHE A 52 -10.97 -14.08 -2.92
CA PHE A 52 -9.65 -14.36 -2.35
C PHE A 52 -8.87 -15.42 -3.11
N ALA A 53 -9.56 -16.44 -3.65
CA ALA A 53 -9.00 -17.56 -4.39
C ALA A 53 -8.29 -17.11 -5.65
N ASN A 54 -8.80 -15.99 -6.24
CA ASN A 54 -8.34 -15.41 -7.48
C ASN A 54 -7.82 -13.99 -7.32
N LEU A 55 -7.37 -13.64 -6.10
CA LEU A 55 -6.82 -12.30 -5.87
C LEU A 55 -5.55 -12.05 -6.65
N ASN A 56 -5.36 -10.80 -7.06
CA ASN A 56 -4.17 -10.32 -7.68
C ASN A 56 -3.65 -9.22 -6.72
N TYR A 57 -2.62 -9.52 -5.95
CA TYR A 57 -2.11 -8.58 -4.96
C TYR A 57 -1.51 -7.28 -5.54
N VAL A 58 -2.03 -6.11 -5.07
CA VAL A 58 -1.57 -4.76 -5.47
C VAL A 58 -0.53 -4.20 -4.49
N GLY A 59 -0.88 -4.08 -3.21
CA GLY A 59 0.06 -3.56 -2.21
C GLY A 59 -0.57 -3.17 -0.90
N VAL A 60 0.26 -2.61 0.01
CA VAL A 60 -0.14 -2.13 1.34
C VAL A 60 -0.58 -0.69 1.21
N VAL A 61 -1.73 -0.36 1.79
CA VAL A 61 -2.29 0.98 1.81
C VAL A 61 -1.93 1.62 3.16
N ASP A 62 -2.20 0.91 4.28
CA ASP A 62 -1.95 1.40 5.63
C ASP A 62 -1.47 0.27 6.55
N GLU A 63 -0.26 0.40 7.04
CA GLU A 63 0.42 -0.57 7.89
C GLU A 63 -0.08 -0.47 9.34
N GLU A 64 -0.68 0.68 9.69
CA GLU A 64 -1.24 1.00 11.01
C GLU A 64 -2.64 0.42 11.11
N ARG A 65 -3.54 0.82 10.19
CA ARG A 65 -4.94 0.37 10.13
C ARG A 65 -5.01 -1.02 9.51
N ARG A 66 -3.89 -1.47 8.90
CA ARG A 66 -3.71 -2.75 8.23
C ARG A 66 -4.69 -2.93 7.08
N LEU A 67 -4.55 -2.09 6.05
CA LEU A 67 -5.35 -2.15 4.82
C LEU A 67 -4.43 -2.51 3.67
N ALA A 68 -4.85 -3.48 2.86
CA ALA A 68 -4.08 -3.90 1.70
C ALA A 68 -5.01 -3.79 0.50
N ALA A 69 -4.45 -3.50 -0.69
CA ALA A 69 -5.26 -3.43 -1.90
C ALA A 69 -5.01 -4.66 -2.79
N ILE A 70 -6.11 -5.25 -3.28
CA ILE A 70 -6.08 -6.41 -4.17
C ILE A 70 -6.95 -6.16 -5.38
N GLN A 71 -6.64 -6.83 -6.48
CA GLN A 71 -7.45 -6.77 -7.68
C GLN A 71 -8.16 -8.11 -7.84
N HIS A 72 -9.45 -8.06 -8.12
CA HIS A 72 -10.22 -9.24 -8.46
C HIS A 72 -10.98 -8.89 -9.72
N ASP A 73 -10.63 -9.58 -10.83
CA ASP A 73 -11.16 -9.38 -12.17
C ASP A 73 -11.07 -7.91 -12.60
N LEU A 74 -12.23 -7.24 -12.64
CA LEU A 74 -12.37 -5.86 -13.07
C LEU A 74 -12.42 -4.88 -11.91
N LYS A 75 -12.32 -5.36 -10.66
CA LYS A 75 -12.41 -4.52 -9.47
C LYS A 75 -11.16 -4.41 -8.64
N LEU A 76 -11.03 -3.27 -7.94
CA LEU A 76 -9.95 -3.02 -6.99
C LEU A 76 -10.59 -3.00 -5.60
N PHE A 77 -10.08 -3.86 -4.70
CA PHE A 77 -10.59 -3.97 -3.33
C PHE A 77 -9.59 -3.52 -2.29
N LEU A 78 -10.12 -2.99 -1.21
CA LEU A 78 -9.41 -2.56 -0.03
C LEU A 78 -9.78 -3.63 1.01
N ILE A 79 -8.79 -4.33 1.52
CA ILE A 79 -8.97 -5.44 2.46
C ILE A 79 -8.38 -5.07 3.80
N ASP A 80 -9.02 -5.49 4.88
CA ASP A 80 -8.45 -5.33 6.22
C ASP A 80 -7.76 -6.66 6.51
N TYR A 81 -6.41 -6.73 6.29
CA TYR A 81 -5.66 -7.97 6.49
C TYR A 81 -5.51 -8.38 7.95
N GLY A 82 -5.84 -7.49 8.89
CA GLY A 82 -5.83 -7.85 10.29
C GLY A 82 -6.91 -8.89 10.49
N SER A 83 -8.10 -8.61 9.92
CA SER A 83 -9.30 -9.43 9.95
C SER A 83 -9.15 -10.73 9.16
N VAL A 84 -8.53 -10.69 7.99
CA VAL A 84 -8.32 -11.86 7.14
C VAL A 84 -7.30 -12.83 7.76
N CYS A 85 -6.14 -12.31 8.25
CA CYS A 85 -5.12 -13.15 8.90
C CYS A 85 -5.69 -13.78 10.15
N TYR A 86 -6.55 -13.04 10.85
CA TYR A 86 -7.19 -13.57 12.00
C TYR A 86 -7.95 -14.88 11.66
N GLU A 87 -8.84 -14.85 10.64
CA GLU A 87 -9.61 -16.02 10.22
C GLU A 87 -8.72 -17.09 9.60
N LEU A 88 -7.71 -16.67 8.79
CA LEU A 88 -6.71 -17.54 8.15
C LEU A 88 -5.95 -18.35 9.22
N PHE A 89 -5.33 -17.68 10.21
CA PHE A 89 -4.60 -18.40 11.24
C PHE A 89 -5.50 -19.23 12.12
N TYR A 90 -6.75 -18.80 12.29
CA TYR A 90 -7.74 -19.54 13.06
C TYR A 90 -8.05 -20.84 12.32
N GLN A 91 -8.26 -20.75 11.01
CA GLN A 91 -8.54 -21.88 10.11
C GLN A 91 -7.37 -22.88 10.05
N ILE A 92 -6.12 -22.37 9.95
CA ILE A 92 -4.91 -23.18 9.93
C ILE A 92 -4.80 -23.95 11.28
N GLY A 93 -5.07 -23.23 12.36
CA GLY A 93 -5.04 -23.79 13.70
C GLY A 93 -6.04 -24.94 13.81
N LEU A 94 -7.25 -24.74 13.26
CA LEU A 94 -8.29 -25.73 13.28
C LEU A 94 -7.89 -26.97 12.50
N THR A 95 -7.22 -26.80 11.36
CA THR A 95 -6.84 -27.91 10.49
C THR A 95 -5.65 -28.69 10.99
N ASP A 96 -4.61 -28.00 11.49
CA ASP A 96 -3.41 -28.69 11.96
C ASP A 96 -3.37 -29.03 13.45
N PHE A 97 -4.51 -28.85 14.13
CA PHE A 97 -4.68 -29.13 15.56
C PHE A 97 -4.05 -30.46 15.95
N ALA A 98 -3.21 -30.47 17.01
CA ALA A 98 -2.47 -31.65 17.50
C ALA A 98 -1.35 -32.17 16.58
N ASN A 99 -1.02 -31.44 15.49
CA ASN A 99 0.01 -31.85 14.54
C ASN A 99 0.84 -30.65 14.06
N PHE A 100 1.05 -29.69 14.95
CA PHE A 100 1.78 -28.48 14.63
C PHE A 100 3.26 -28.67 14.73
N GLY A 101 3.98 -27.98 13.85
CA GLY A 101 5.44 -27.87 13.93
C GLY A 101 5.74 -26.86 15.04
N LYS A 102 7.03 -26.70 15.40
CA LYS A 102 7.42 -25.77 16.47
C LYS A 102 8.35 -24.64 16.01
N ILE A 103 8.15 -23.48 16.62
CA ILE A 103 9.02 -22.34 16.48
C ILE A 103 9.78 -22.40 17.80
N ASN A 104 11.06 -22.86 17.74
CA ASN A 104 11.87 -22.94 18.93
C ASN A 104 12.31 -21.53 19.31
N LEU A 105 11.79 -21.02 20.42
CA LEU A 105 12.03 -19.66 20.92
C LEU A 105 13.30 -19.49 21.77
N GLN A 106 14.03 -20.56 22.09
CA GLN A 106 15.24 -20.45 22.91
C GLN A 106 16.58 -20.52 22.14
N SER A 107 17.51 -19.61 22.51
CA SER A 107 18.87 -19.57 21.96
C SER A 107 19.88 -20.04 23.01
N THR A 108 21.18 -19.85 22.72
CA THR A 108 22.22 -20.17 23.69
C THR A 108 22.29 -19.04 24.74
N ASN A 109 21.62 -17.91 24.47
CA ASN A 109 21.55 -16.77 25.39
C ASN A 109 20.35 -16.95 26.30
N VAL A 110 20.63 -17.36 27.54
CA VAL A 110 19.66 -17.63 28.60
C VAL A 110 18.94 -16.33 29.01
N SER A 111 19.62 -15.19 28.87
CA SER A 111 19.06 -13.88 29.19
C SER A 111 17.97 -13.43 28.19
N ASP A 112 17.84 -14.11 27.04
CA ASP A 112 16.86 -13.83 25.99
C ASP A 112 15.56 -14.62 26.15
N ASP A 113 15.51 -15.47 27.21
CA ASP A 113 14.35 -16.30 27.52
C ASP A 113 13.07 -15.50 27.77
N ILE A 114 11.95 -16.12 27.51
CA ILE A 114 10.68 -15.45 27.67
C ILE A 114 10.04 -15.91 28.96
N VAL A 115 10.07 -15.04 29.99
CA VAL A 115 9.48 -15.35 31.31
C VAL A 115 8.06 -14.78 31.35
N LEU A 116 7.05 -15.64 31.68
CA LEU A 116 5.63 -15.25 31.67
C LEU A 116 5.34 -14.15 32.67
N TYR A 117 5.97 -14.24 33.88
CA TYR A 117 5.82 -13.25 34.94
C TYR A 117 6.28 -11.86 34.45
N ASN A 118 7.40 -11.83 33.69
CA ASN A 118 8.01 -10.66 33.08
C ASN A 118 7.11 -10.01 32.03
N LEU A 119 6.38 -10.84 31.25
CA LEU A 119 5.42 -10.39 30.23
C LEU A 119 4.19 -9.75 30.85
N LEU A 120 3.68 -10.34 31.97
CA LEU A 120 2.49 -9.86 32.67
C LEU A 120 2.72 -8.55 33.41
N SER A 121 3.98 -8.16 33.54
CA SER A 121 4.42 -6.94 34.19
C SER A 121 4.17 -5.70 33.34
N GLU A 122 3.67 -5.92 32.15
CA GLU A 122 3.30 -4.86 31.22
C GLU A 122 1.90 -4.34 31.61
N PHE A 123 1.16 -5.14 32.42
CA PHE A 123 -0.20 -4.83 32.85
C PHE A 123 -0.23 -4.28 34.26
N ASP A 124 -0.41 -2.97 34.38
CA ASP A 124 -0.44 -2.19 35.62
C ASP A 124 -1.58 -2.61 36.55
N GLU A 125 -2.68 -3.15 35.96
CA GLU A 125 -3.84 -3.63 36.72
C GLU A 125 -3.55 -4.95 37.44
N LEU A 126 -2.49 -5.65 37.03
CA LEU A 126 -1.99 -6.84 37.71
C LEU A 126 -0.93 -6.33 38.74
N ASN A 127 -1.34 -5.31 39.54
CA ASN A 127 -0.59 -4.57 40.55
C ASN A 127 0.03 -5.37 41.72
N ASP A 128 -0.15 -6.70 41.74
CA ASP A 128 0.43 -7.55 42.78
C ASP A 128 0.98 -8.82 42.16
N ASP A 129 2.11 -9.33 42.69
CA ASP A 129 2.77 -10.57 42.25
C ASP A 129 1.76 -11.75 42.13
N ALA A 130 0.83 -11.87 43.13
CA ALA A 130 -0.23 -12.88 43.21
C ALA A 130 -1.17 -12.91 42.01
N SER A 131 -1.63 -11.74 41.56
CA SER A 131 -2.54 -11.65 40.40
C SER A 131 -1.88 -12.14 39.10
N LYS A 132 -0.57 -11.86 38.91
CA LYS A 132 0.24 -12.34 37.78
C LYS A 132 0.45 -13.85 37.99
N GLU A 133 0.71 -14.27 39.26
CA GLU A 133 0.89 -15.69 39.61
C GLU A 133 -0.38 -16.52 39.38
N LYS A 134 -1.57 -15.88 39.53
CA LYS A 134 -2.86 -16.51 39.31
C LYS A 134 -2.98 -16.99 37.86
N ILE A 135 -2.65 -16.08 36.91
CA ILE A 135 -2.66 -16.29 35.46
C ILE A 135 -1.67 -17.40 35.05
N ILE A 136 -0.42 -17.32 35.56
CA ILE A 136 0.63 -18.29 35.23
C ILE A 136 0.29 -19.68 35.76
N SER A 137 -0.38 -19.74 36.93
CA SER A 137 -0.79 -21.00 37.54
C SER A 137 -1.75 -21.78 36.60
N LYS A 138 -2.80 -21.11 36.08
CA LYS A 138 -3.73 -21.80 35.19
C LYS A 138 -3.04 -22.34 33.96
N ILE A 139 -2.37 -21.45 33.22
CA ILE A 139 -1.57 -21.75 32.04
C ILE A 139 -0.63 -22.94 32.32
N TRP A 140 0.16 -22.86 33.42
CA TRP A 140 1.13 -23.87 33.80
C TRP A 140 0.56 -25.25 34.09
N ASP A 141 -0.62 -25.34 34.73
CA ASP A 141 -1.27 -26.62 35.05
C ASP A 141 -1.76 -27.35 33.80
N MET A 142 -2.01 -26.56 32.75
CA MET A 142 -2.49 -27.05 31.48
C MET A 142 -1.37 -27.21 30.45
N SER A 143 -0.09 -27.13 30.88
CA SER A 143 1.09 -27.24 30.02
C SER A 143 1.21 -28.54 29.24
N SER A 144 0.77 -29.68 29.81
CA SER A 144 0.80 -30.99 29.15
C SER A 144 -0.03 -30.96 27.86
N MET A 145 -1.30 -30.45 27.92
CA MET A 145 -2.17 -30.32 26.75
C MET A 145 -1.74 -29.17 25.83
N LEU A 146 -1.34 -28.00 26.40
CA LEU A 146 -0.89 -26.87 25.59
C LEU A 146 0.23 -27.30 24.69
N ASN A 147 1.10 -28.18 25.21
CA ASN A 147 2.20 -28.70 24.41
C ASN A 147 1.72 -29.73 23.39
N GLU A 148 0.94 -30.74 23.83
CA GLU A 148 0.46 -31.85 23.00
C GLU A 148 -0.39 -31.43 21.76
N TYR A 149 -1.45 -30.63 22.04
CA TYR A 149 -2.44 -30.13 21.10
C TYR A 149 -2.03 -28.88 20.32
N TYR A 150 -1.29 -27.94 20.96
CA TYR A 150 -0.96 -26.66 20.34
C TYR A 150 0.48 -26.34 20.06
N SER A 151 1.41 -27.17 20.52
CA SER A 151 2.85 -26.94 20.38
C SER A 151 3.28 -25.67 21.15
N ILE A 152 2.50 -25.27 22.17
CA ILE A 152 2.80 -24.15 23.05
C ILE A 152 3.52 -24.83 24.23
N GLU A 153 4.84 -24.84 24.19
CA GLU A 153 5.64 -25.49 25.22
C GLU A 153 6.14 -24.53 26.28
N LEU A 154 5.78 -24.83 27.51
CA LEU A 154 6.17 -24.09 28.71
C LEU A 154 7.08 -24.95 29.54
N VAL A 155 8.16 -24.35 30.05
CA VAL A 155 9.15 -25.03 30.85
C VAL A 155 9.38 -24.23 32.14
N ASN A 156 9.84 -24.92 33.21
CA ASN A 156 10.18 -24.29 34.47
C ASN A 156 11.68 -24.51 34.73
N ASP A 157 12.46 -23.42 34.84
CA ASP A 157 13.90 -23.49 35.02
C ASP A 157 14.41 -23.87 36.41
N GLY A 158 13.67 -23.49 37.46
CA GLY A 158 14.00 -23.79 38.85
C GLY A 158 13.17 -24.94 39.38
N LEU A 159 12.58 -24.76 40.58
CA LEU A 159 11.68 -25.72 41.26
C LEU A 159 10.25 -25.57 40.65
N ASP A 160 9.55 -26.71 40.40
CA ASP A 160 8.20 -26.81 39.79
C ASP A 160 7.18 -25.74 40.19
N ASN A 161 7.17 -25.34 41.47
CA ASN A 161 6.23 -24.37 42.04
C ASN A 161 6.66 -22.90 41.84
N ASP A 162 7.81 -22.65 41.17
CA ASP A 162 8.25 -21.29 40.96
C ASP A 162 7.68 -20.71 39.71
N LEU A 163 6.47 -20.14 39.84
CA LEU A 163 5.71 -19.51 38.75
C LEU A 163 6.45 -18.34 38.10
N LYS A 164 7.25 -17.62 38.88
CA LYS A 164 8.05 -16.49 38.43
C LYS A 164 9.17 -16.98 37.55
N SER A 165 9.47 -18.30 37.53
CA SER A 165 10.50 -18.84 36.64
C SER A 165 9.92 -19.72 35.49
N VAL A 166 8.60 -19.56 35.18
CA VAL A 166 7.90 -20.28 34.11
C VAL A 166 8.23 -19.59 32.80
N LYS A 167 8.70 -20.38 31.80
CA LYS A 167 9.17 -19.91 30.49
C LYS A 167 8.46 -20.50 29.30
N LEU A 168 8.36 -19.72 28.20
CA LEU A 168 7.77 -20.15 26.92
C LEU A 168 8.92 -20.59 26.00
N LYS A 169 9.03 -21.92 25.76
CA LYS A 169 10.11 -22.53 24.98
C LYS A 169 9.77 -22.66 23.49
N SER A 170 8.50 -22.99 23.17
CA SER A 170 8.08 -23.14 21.77
C SER A 170 6.70 -22.59 21.55
N LEU A 171 6.40 -22.22 20.30
CA LEU A 171 5.07 -21.78 19.84
C LEU A 171 4.68 -22.63 18.61
N PRO A 172 3.39 -22.78 18.23
CA PRO A 172 3.07 -23.59 17.03
C PRO A 172 3.54 -22.89 15.78
N LEU A 173 4.02 -23.67 14.78
CA LEU A 173 4.46 -23.16 13.48
C LEU A 173 3.31 -23.35 12.56
N LEU A 174 2.55 -22.26 12.33
CA LEU A 174 1.33 -22.31 11.51
C LEU A 174 1.58 -22.22 10.00
N LEU A 175 2.57 -21.45 9.59
CA LEU A 175 2.85 -21.24 8.16
C LEU A 175 4.36 -21.24 7.87
N LYS A 176 4.80 -22.11 6.96
CA LYS A 176 6.22 -22.21 6.58
C LYS A 176 6.63 -20.84 6.01
N GLY A 177 7.76 -20.31 6.47
CA GLY A 177 8.25 -19.00 6.03
C GLY A 177 7.70 -17.85 6.84
N TYR A 178 6.91 -18.17 7.88
CA TYR A 178 6.35 -17.16 8.76
C TYR A 178 6.73 -17.42 10.20
N ILE A 179 7.20 -16.37 10.89
CA ILE A 179 7.53 -16.32 12.32
C ILE A 179 6.83 -15.07 12.80
N PRO A 180 5.83 -15.22 13.70
CA PRO A 180 5.13 -14.02 14.16
C PRO A 180 6.01 -13.13 15.04
N SER A 181 5.61 -11.86 15.07
CA SER A 181 6.21 -10.89 15.95
C SER A 181 5.79 -11.24 17.38
N LEU A 182 6.69 -11.04 18.32
CA LEU A 182 6.39 -11.38 19.69
C LEU A 182 5.99 -10.18 20.55
N VAL A 183 5.80 -9.01 19.90
CA VAL A 183 5.36 -7.77 20.55
C VAL A 183 4.03 -7.99 21.32
N LYS A 184 3.15 -8.83 20.75
CA LYS A 184 1.88 -9.12 21.37
C LYS A 184 1.91 -10.28 22.38
N LEU A 185 3.11 -10.87 22.70
CA LEU A 185 3.19 -11.94 23.71
C LEU A 185 2.54 -11.59 25.04
N PRO A 186 2.72 -10.36 25.63
CA PRO A 186 2.01 -10.04 26.89
C PRO A 186 0.48 -10.29 26.81
N PHE A 187 -0.17 -9.82 25.71
CA PHE A 187 -1.60 -10.00 25.47
C PHE A 187 -1.99 -11.44 25.35
N PHE A 188 -1.15 -12.26 24.68
CA PHE A 188 -1.34 -13.70 24.50
C PHE A 188 -1.45 -14.41 25.84
N ILE A 189 -0.52 -14.12 26.75
CA ILE A 189 -0.50 -14.73 28.07
C ILE A 189 -1.66 -14.21 28.93
N TYR A 190 -1.86 -12.89 28.96
CA TYR A 190 -2.93 -12.25 29.71
C TYR A 190 -4.30 -12.83 29.29
N ARG A 191 -4.54 -12.95 27.97
CA ARG A 191 -5.82 -13.47 27.47
C ARG A 191 -5.95 -14.98 27.65
N LEU A 192 -4.85 -15.73 27.56
CA LEU A 192 -4.83 -17.18 27.81
C LEU A 192 -5.22 -17.42 29.31
N GLY A 193 -4.72 -16.55 30.18
CA GLY A 193 -4.98 -16.63 31.62
C GLY A 193 -6.29 -16.04 32.09
N LYS A 194 -6.90 -15.10 31.33
CA LYS A 194 -8.13 -14.44 31.72
C LYS A 194 -9.34 -14.63 30.80
N GLU A 195 -9.13 -14.73 29.49
CA GLU A 195 -10.23 -14.86 28.54
C GLU A 195 -10.65 -16.33 28.21
N VAL A 196 -9.68 -17.28 28.18
CA VAL A 196 -9.98 -18.69 27.86
C VAL A 196 -10.81 -19.36 28.97
N ASP A 197 -11.95 -19.94 28.59
CA ASP A 197 -12.82 -20.66 29.51
C ASP A 197 -12.25 -22.08 29.61
N TRP A 198 -11.27 -22.27 30.51
CA TRP A 198 -10.61 -23.58 30.75
C TRP A 198 -11.56 -24.70 31.21
N GLU A 199 -12.76 -24.34 31.72
CA GLU A 199 -13.69 -25.34 32.23
C GLU A 199 -14.45 -26.15 31.19
N ASP A 200 -14.71 -25.60 29.99
CA ASP A 200 -15.49 -26.29 28.97
C ASP A 200 -14.57 -26.67 27.83
N GLU A 201 -14.41 -27.99 27.54
CA GLU A 201 -13.54 -28.52 26.47
C GLU A 201 -13.61 -27.76 25.14
N GLN A 202 -14.82 -27.59 24.58
CA GLN A 202 -14.99 -26.90 23.31
C GLN A 202 -14.63 -25.44 23.38
N GLU A 203 -15.16 -24.71 24.37
CA GLU A 203 -14.87 -23.28 24.55
C GLU A 203 -13.38 -23.00 24.86
N CYS A 204 -12.76 -23.92 25.56
CA CYS A 204 -11.35 -23.82 25.92
C CYS A 204 -10.51 -23.95 24.63
N LEU A 205 -10.72 -25.04 23.87
CA LEU A 205 -10.07 -25.34 22.59
C LEU A 205 -10.23 -24.21 21.58
N ASP A 206 -11.46 -23.71 21.40
CA ASP A 206 -11.78 -22.58 20.50
C ASP A 206 -10.98 -21.34 20.92
N GLY A 207 -11.02 -21.06 22.24
CA GLY A 207 -10.35 -19.95 22.89
C GLY A 207 -8.85 -19.89 22.65
N ILE A 208 -8.15 -21.05 22.78
CA ILE A 208 -6.71 -21.18 22.53
C ILE A 208 -6.40 -20.93 21.05
N LEU A 209 -7.13 -21.57 20.13
CA LEU A 209 -6.99 -21.33 18.69
C LEU A 209 -7.19 -19.86 18.36
N ARG A 210 -8.16 -19.17 19.04
CA ARG A 210 -8.38 -17.73 18.84
C ARG A 210 -7.19 -16.91 19.35
N GLU A 211 -6.61 -17.28 20.48
CA GLU A 211 -5.44 -16.60 21.04
C GLU A 211 -4.20 -16.74 20.17
N ILE A 212 -4.00 -17.93 19.58
CA ILE A 212 -2.90 -18.20 18.65
C ILE A 212 -3.11 -17.34 17.40
N ALA A 213 -4.33 -17.36 16.86
CA ALA A 213 -4.66 -16.57 15.68
C ALA A 213 -4.42 -15.06 15.92
N LEU A 214 -4.86 -14.54 17.09
CA LEU A 214 -4.70 -13.13 17.45
C LEU A 214 -3.22 -12.72 17.51
N LEU A 215 -2.39 -13.53 18.21
CA LEU A 215 -0.94 -13.30 18.31
C LEU A 215 -0.24 -13.30 16.94
N TYR A 216 -0.68 -14.18 16.03
CA TYR A 216 -0.10 -14.38 14.73
C TYR A 216 -0.37 -13.29 13.69
N ILE A 217 -1.41 -12.44 13.88
CA ILE A 217 -1.73 -11.36 12.93
C ILE A 217 -0.57 -10.39 12.85
N PRO A 218 -0.02 -10.03 11.65
CA PRO A 218 1.08 -9.04 11.62
C PRO A 218 0.76 -7.76 12.43
N ASP A 219 1.76 -7.22 13.13
CA ASP A 219 1.58 -6.05 13.99
C ASP A 219 1.05 -4.83 13.29
N MET A 220 0.45 -3.92 14.07
CA MET A 220 0.02 -2.61 13.60
C MET A 220 1.30 -1.76 13.61
N VAL A 221 1.66 -1.17 12.47
CA VAL A 221 2.86 -0.33 12.40
C VAL A 221 2.41 1.15 12.37
N PRO A 222 2.47 1.89 13.49
CA PRO A 222 2.00 3.29 13.46
C PRO A 222 2.77 4.14 12.45
N LYS A 223 2.12 5.16 11.88
CA LYS A 223 2.72 6.09 10.92
C LYS A 223 3.71 7.00 11.66
N VAL A 224 4.90 7.20 11.06
CA VAL A 224 5.98 8.05 11.55
C VAL A 224 6.24 9.06 10.42
N ASP A 225 6.43 10.35 10.78
CA ASP A 225 6.66 11.43 9.81
C ASP A 225 8.12 11.54 9.35
N THR A 226 8.39 11.07 8.11
CA THR A 226 9.73 11.07 7.52
C THR A 226 10.22 12.48 7.13
N SER A 227 9.30 13.44 7.00
CA SER A 227 9.59 14.84 6.66
C SER A 227 10.04 15.68 7.88
N ASP A 228 9.59 15.26 9.09
CA ASP A 228 9.92 15.93 10.36
C ASP A 228 11.40 15.80 10.74
N ALA A 229 12.13 16.93 10.67
CA ALA A 229 13.56 17.01 11.02
C ALA A 229 13.75 16.82 12.54
N SER A 230 12.67 17.04 13.32
CA SER A 230 12.62 16.91 14.79
C SER A 230 12.78 15.46 15.27
N LEU A 231 12.39 14.49 14.42
CA LEU A 231 12.48 13.05 14.72
C LEU A 231 13.87 12.52 14.29
N SER A 232 14.51 11.71 15.18
CA SER A 232 15.86 11.19 14.98
C SER A 232 16.10 10.31 13.74
N GLU A 233 17.37 10.26 13.28
CA GLU A 233 17.81 9.50 12.11
C GLU A 233 17.60 8.01 12.28
N ASP A 234 17.86 7.48 13.48
CA ASP A 234 17.71 6.05 13.81
C ASP A 234 16.26 5.59 13.85
N GLU A 235 15.32 6.50 14.19
CA GLU A 235 13.87 6.21 14.26
C GLU A 235 13.27 6.10 12.86
N LYS A 236 13.91 6.75 11.88
CA LYS A 236 13.52 6.77 10.47
C LYS A 236 13.74 5.42 9.80
N ALA A 237 15.03 5.02 9.57
CA ALA A 237 15.39 3.73 8.96
C ALA A 237 14.73 2.54 9.63
N GLN A 238 14.35 2.69 10.94
CA GLN A 238 13.65 1.67 11.74
C GLN A 238 12.18 1.58 11.34
N PHE A 239 11.53 2.73 11.02
CA PHE A 239 10.15 2.72 10.54
C PHE A 239 10.15 2.12 9.15
N ILE A 240 11.08 2.61 8.29
CA ILE A 240 11.29 2.14 6.91
C ILE A 240 11.52 0.62 6.88
N ASN A 241 12.30 0.08 7.87
CA ASN A 241 12.51 -1.35 7.93
C ASN A 241 11.24 -2.11 8.31
N ARG A 242 10.43 -1.58 9.25
CA ARG A 242 9.16 -2.23 9.65
C ARG A 242 8.13 -2.24 8.52
N LYS A 243 8.07 -1.11 7.77
CA LYS A 243 7.25 -0.84 6.59
C LYS A 243 7.63 -1.87 5.52
N GLU A 244 8.95 -2.09 5.29
CA GLU A 244 9.46 -3.05 4.31
C GLU A 244 9.19 -4.50 4.67
N HIS A 245 9.39 -4.87 5.94
CA HIS A 245 9.17 -6.22 6.44
C HIS A 245 7.74 -6.65 6.30
N ILE A 246 6.77 -5.72 6.48
CA ILE A 246 5.36 -6.09 6.30
C ILE A 246 4.99 -6.25 4.81
N SER A 247 5.44 -5.32 3.98
CA SER A 247 5.20 -5.33 2.54
C SER A 247 5.70 -6.64 1.94
N SER A 248 6.90 -7.06 2.36
CA SER A 248 7.54 -8.31 1.94
C SER A 248 6.78 -9.52 2.50
N LEU A 249 6.39 -9.46 3.80
CA LEU A 249 5.61 -10.51 4.48
C LEU A 249 4.26 -10.74 3.75
N LEU A 250 3.48 -9.65 3.56
CA LEU A 250 2.19 -9.75 2.90
C LEU A 250 2.31 -10.24 1.50
N GLU A 251 3.28 -9.73 0.76
CA GLU A 251 3.48 -10.10 -0.62
C GLU A 251 4.05 -11.50 -0.83
N HIS A 252 5.00 -11.92 0.00
CA HIS A 252 5.63 -13.21 -0.30
C HIS A 252 5.19 -14.40 0.48
N VAL A 253 4.63 -14.17 1.66
CA VAL A 253 4.19 -15.23 2.56
C VAL A 253 2.67 -15.29 2.72
N LEU A 254 2.05 -14.18 3.24
CA LEU A 254 0.65 -14.09 3.59
C LEU A 254 -0.38 -14.19 2.49
N PHE A 255 -0.36 -13.23 1.51
CA PHE A 255 -1.29 -13.24 0.39
C PHE A 255 -1.22 -14.51 -0.43
N PRO A 256 -0.02 -15.08 -0.76
CA PRO A 256 -0.01 -16.39 -1.44
C PRO A 256 -0.73 -17.48 -0.64
N CYS A 257 -0.63 -17.48 0.70
CA CYS A 257 -1.35 -18.46 1.54
C CYS A 257 -2.86 -18.21 1.52
N ILE A 258 -3.26 -16.92 1.72
CA ILE A 258 -4.65 -16.46 1.65
C ILE A 258 -5.26 -16.93 0.32
N LYS A 259 -4.55 -16.71 -0.79
CA LYS A 259 -4.99 -17.03 -2.16
C LYS A 259 -5.21 -18.54 -2.42
N ARG A 260 -4.42 -19.37 -1.75
CA ARG A 260 -4.32 -20.82 -1.88
C ARG A 260 -5.32 -21.57 -0.99
N ARG A 261 -5.61 -21.07 0.23
CA ARG A 261 -6.46 -21.82 1.17
C ARG A 261 -7.56 -21.05 1.94
N PHE A 262 -7.60 -19.72 1.84
CA PHE A 262 -8.56 -18.95 2.64
C PHE A 262 -10.02 -19.16 2.27
N LEU A 263 -10.83 -19.46 3.29
CA LEU A 263 -12.26 -19.66 3.21
C LEU A 263 -12.83 -18.43 3.88
N ALA A 264 -13.54 -17.60 3.13
CA ALA A 264 -14.05 -16.34 3.68
C ALA A 264 -15.37 -16.46 4.45
N PRO A 265 -15.38 -16.21 5.78
CA PRO A 265 -16.65 -16.22 6.52
C PRO A 265 -17.51 -15.03 6.11
N ARG A 266 -18.85 -15.15 6.21
CA ARG A 266 -19.74 -14.05 5.82
C ARG A 266 -19.60 -12.80 6.67
N HIS A 267 -19.12 -12.94 7.92
CA HIS A 267 -18.95 -11.81 8.83
C HIS A 267 -17.81 -10.86 8.42
N ILE A 268 -17.10 -11.20 7.35
CA ILE A 268 -15.96 -10.46 6.80
C ILE A 268 -16.30 -9.55 5.63
N LEU A 269 -17.54 -9.57 5.14
CA LEU A 269 -17.98 -8.71 4.04
C LEU A 269 -17.75 -7.23 4.32
N LYS A 270 -17.80 -6.83 5.60
CA LYS A 270 -17.59 -5.46 6.06
C LYS A 270 -16.11 -5.07 5.93
N ASP A 271 -15.20 -6.07 5.87
CA ASP A 271 -13.74 -5.91 5.82
C ASP A 271 -13.12 -5.90 4.42
N VAL A 272 -13.94 -6.18 3.40
CA VAL A 272 -13.60 -6.20 1.97
C VAL A 272 -14.45 -5.10 1.33
N VAL A 273 -13.81 -4.07 0.72
CA VAL A 273 -14.55 -2.96 0.15
C VAL A 273 -14.08 -2.63 -1.27
N GLU A 274 -15.05 -2.66 -2.23
CA GLU A 274 -14.80 -2.28 -3.61
C GLU A 274 -14.61 -0.77 -3.62
N ILE A 275 -13.47 -0.33 -4.20
CA ILE A 275 -13.06 1.07 -4.27
C ILE A 275 -13.03 1.64 -5.68
N ALA A 276 -12.83 0.77 -6.71
CA ALA A 276 -12.78 1.16 -8.12
C ALA A 276 -13.08 -0.01 -9.04
N ASN A 277 -13.51 0.30 -10.27
CA ASN A 277 -13.77 -0.72 -11.27
C ASN A 277 -13.28 -0.24 -12.63
N LEU A 278 -12.62 -1.13 -13.39
CA LEU A 278 -12.04 -0.84 -14.70
C LEU A 278 -13.04 -0.28 -15.73
N PRO A 279 -14.28 -0.79 -15.84
CA PRO A 279 -15.24 -0.19 -16.77
C PRO A 279 -15.43 1.31 -16.52
N ASP A 280 -15.61 1.70 -15.24
CA ASP A 280 -15.77 3.09 -14.84
C ASP A 280 -14.52 3.90 -15.06
N LEU A 281 -13.34 3.35 -14.68
CA LEU A 281 -12.04 4.02 -14.85
C LEU A 281 -11.75 4.29 -16.33
N TYR A 282 -11.99 3.29 -17.19
CA TYR A 282 -11.76 3.44 -18.62
C TYR A 282 -12.72 4.41 -19.35
N LYS A 283 -13.67 5.04 -18.61
CA LYS A 283 -14.56 6.06 -19.15
C LYS A 283 -13.93 7.42 -18.87
N VAL A 284 -12.98 7.51 -17.90
CA VAL A 284 -12.25 8.76 -17.60
C VAL A 284 -10.81 8.76 -18.16
N PHE A 285 -10.04 7.70 -17.84
CA PHE A 285 -8.67 7.51 -18.33
C PHE A 285 -8.74 6.95 -19.79
N GLU A 286 -8.28 7.73 -20.78
CA GLU A 286 -8.38 7.30 -22.17
C GLU A 286 -7.05 7.43 -22.92
N ARG A 287 -6.85 6.67 -24.01
CA ARG A 287 -5.63 6.70 -24.81
C ARG A 287 -5.42 8.08 -25.41
N CYS A 288 -4.14 8.45 -25.58
CA CYS A 288 -3.73 9.73 -26.16
C CYS A 288 -4.24 9.76 -27.56
N GLU B 18 -22.35 12.91 -19.26
CA GLU B 18 -21.43 12.18 -18.37
C GLU B 18 -20.12 12.93 -18.11
N LEU B 19 -19.76 13.91 -18.98
CA LEU B 19 -18.54 14.74 -18.91
C LEU B 19 -18.42 15.61 -17.64
N GLU B 20 -19.52 15.80 -16.89
CA GLU B 20 -19.58 16.56 -15.64
C GLU B 20 -18.76 15.86 -14.56
N ASP B 21 -18.76 14.50 -14.58
CA ASP B 21 -17.99 13.63 -13.67
C ASP B 21 -16.48 13.79 -13.91
N PHE B 22 -16.08 14.09 -15.18
CA PHE B 22 -14.70 14.35 -15.58
C PHE B 22 -14.27 15.72 -15.04
N GLU B 23 -15.13 16.75 -15.21
CA GLU B 23 -14.91 18.14 -14.79
C GLU B 23 -14.69 18.29 -13.29
N GLN B 24 -15.60 17.69 -12.46
CA GLN B 24 -15.55 17.70 -10.99
C GLN B 24 -14.29 17.01 -10.43
N GLY B 25 -13.69 16.09 -11.20
CA GLY B 25 -12.48 15.37 -10.86
C GLY B 25 -11.26 16.27 -10.94
N GLU B 26 -11.14 17.04 -12.03
CA GLU B 26 -10.07 18.01 -12.28
C GLU B 26 -10.22 19.22 -11.33
N LYS B 27 -11.48 19.59 -11.01
CA LYS B 27 -11.85 20.68 -10.10
C LYS B 27 -11.40 20.33 -8.67
N TYR B 28 -11.64 19.06 -8.25
CA TYR B 28 -11.26 18.53 -6.95
C TYR B 28 -9.73 18.59 -6.77
N LEU B 29 -8.98 18.14 -7.80
CA LEU B 29 -7.51 18.10 -7.85
C LEU B 29 -6.86 19.46 -7.65
N THR B 30 -7.35 20.52 -8.36
CA THR B 30 -6.84 21.90 -8.25
C THR B 30 -6.86 22.43 -6.80
N LEU B 31 -7.85 22.01 -5.98
CA LEU B 31 -8.03 22.42 -4.57
C LEU B 31 -7.34 21.47 -3.58
N THR B 32 -7.54 20.16 -3.75
CA THR B 32 -7.02 19.11 -2.86
C THR B 32 -5.50 18.78 -2.98
N VAL B 33 -4.87 19.01 -4.17
CA VAL B 33 -3.47 18.63 -4.40
C VAL B 33 -2.54 19.80 -4.76
N SER B 34 -1.53 20.05 -3.89
CA SER B 34 -0.50 21.07 -4.06
C SER B 34 0.79 20.44 -4.61
N LYS B 35 1.75 21.28 -5.07
CA LYS B 35 3.04 20.81 -5.61
C LYS B 35 3.73 19.88 -4.59
N ASN B 36 3.81 20.31 -3.31
CA ASN B 36 4.42 19.53 -2.24
C ASN B 36 3.72 18.21 -1.93
N ASP B 37 2.38 18.16 -2.12
CA ASP B 37 1.55 16.97 -1.88
C ASP B 37 2.07 15.74 -2.61
N PHE B 38 2.56 15.93 -3.85
CA PHE B 38 3.13 14.89 -4.70
C PHE B 38 4.41 14.30 -4.15
N LYS B 39 5.30 15.16 -3.58
CA LYS B 39 6.58 14.75 -3.00
C LYS B 39 6.36 13.86 -1.80
N LYS B 40 5.20 14.01 -1.11
CA LYS B 40 4.85 13.22 0.06
C LYS B 40 3.90 12.03 -0.22
N MET B 41 3.59 11.77 -1.51
CA MET B 41 2.73 10.65 -1.90
C MET B 41 3.47 9.33 -1.85
N GLU B 42 2.79 8.28 -1.46
CA GLU B 42 3.44 6.97 -1.38
C GLU B 42 2.82 5.97 -2.31
N VAL B 43 3.66 5.19 -2.99
CA VAL B 43 3.17 4.17 -3.92
C VAL B 43 2.69 2.92 -3.22
N VAL B 44 1.40 2.55 -3.42
CA VAL B 44 0.80 1.33 -2.89
C VAL B 44 1.25 0.15 -3.79
N GLY B 45 1.05 0.32 -5.10
CA GLY B 45 1.41 -0.69 -6.08
C GLY B 45 0.83 -0.39 -7.44
N GLN B 46 1.01 -1.35 -8.36
CA GLN B 46 0.56 -1.23 -9.73
C GLN B 46 -0.75 -1.99 -9.95
N PHE B 47 -1.69 -1.35 -10.61
CA PHE B 47 -2.98 -1.93 -10.80
C PHE B 47 -3.28 -2.07 -12.28
N ASN B 48 -3.58 -3.34 -12.67
CA ASN B 48 -3.91 -3.75 -14.03
C ASN B 48 -2.84 -3.36 -15.09
N LEU B 49 -1.56 -3.25 -14.65
CA LEU B 49 -0.40 -2.90 -15.47
C LEU B 49 -0.55 -1.57 -16.20
N GLY B 50 -1.39 -0.70 -15.68
CA GLY B 50 -1.64 0.59 -16.32
C GLY B 50 -1.84 1.73 -15.35
N PHE B 51 -2.01 1.39 -14.04
CA PHE B 51 -2.24 2.40 -13.01
C PHE B 51 -1.28 2.31 -11.82
N ILE B 52 -1.01 3.46 -11.18
CA ILE B 52 -0.22 3.51 -9.97
C ILE B 52 -1.18 3.96 -8.86
N ILE B 53 -1.33 3.12 -7.82
CA ILE B 53 -2.22 3.45 -6.69
C ILE B 53 -1.35 4.13 -5.69
N VAL B 54 -1.75 5.34 -5.25
CA VAL B 54 -0.96 6.11 -4.27
C VAL B 54 -1.76 6.57 -3.09
N THR B 55 -1.09 6.67 -1.91
CA THR B 55 -1.68 7.22 -0.68
C THR B 55 -1.12 8.61 -0.46
N ARG B 56 -1.92 9.47 0.16
CA ARG B 56 -1.50 10.83 0.50
C ARG B 56 -2.03 11.17 1.87
N LYS B 57 -1.17 11.11 2.90
CA LYS B 57 -1.60 11.47 4.24
C LYS B 57 -0.92 12.72 4.70
N VAL B 58 -1.67 13.83 4.74
CA VAL B 58 -1.17 15.09 5.28
C VAL B 58 -2.18 15.84 6.07
N ASP B 59 -1.84 15.97 7.36
CA ASP B 59 -2.59 16.60 8.42
C ASP B 59 -3.68 15.67 8.90
N ASN B 60 -4.95 16.00 8.61
CA ASN B 60 -6.12 15.19 8.95
C ASN B 60 -6.67 14.59 7.66
N LYS B 61 -6.04 14.98 6.54
CA LYS B 61 -6.37 14.47 5.22
C LYS B 61 -5.56 13.18 4.99
N TYR B 62 -6.26 12.10 4.56
CA TYR B 62 -5.70 10.80 4.16
C TYR B 62 -6.54 10.35 2.96
N ASP B 63 -5.94 10.32 1.76
CA ASP B 63 -6.67 9.92 0.56
C ASP B 63 -5.88 8.98 -0.32
N LEU B 64 -6.59 8.20 -1.15
CA LEU B 64 -6.03 7.32 -2.19
C LEU B 64 -6.26 8.01 -3.54
N PHE B 65 -5.26 7.98 -4.41
CA PHE B 65 -5.38 8.52 -5.77
C PHE B 65 -5.00 7.42 -6.76
N ILE B 66 -5.53 7.51 -7.97
CA ILE B 66 -5.21 6.57 -9.03
C ILE B 66 -4.51 7.38 -10.15
N VAL B 67 -3.28 6.97 -10.49
CA VAL B 67 -2.44 7.65 -11.48
C VAL B 67 -2.28 6.74 -12.73
N ASP B 68 -2.51 7.30 -13.94
CA ASP B 68 -2.29 6.65 -15.23
C ASP B 68 -0.74 6.70 -15.49
N GLN B 69 -0.06 5.53 -15.53
CA GLN B 69 1.40 5.46 -15.71
C GLN B 69 1.90 6.10 -16.98
N HIS B 70 1.16 5.99 -18.11
CA HIS B 70 1.56 6.61 -19.38
C HIS B 70 1.37 8.12 -19.38
N ALA B 71 0.12 8.58 -19.15
CA ALA B 71 -0.25 10.00 -19.16
C ALA B 71 0.54 10.89 -18.18
N SER B 72 0.81 10.36 -16.99
CA SER B 72 1.59 11.10 -15.99
C SER B 72 3.08 11.18 -16.37
N ASP B 73 3.64 10.07 -16.92
CA ASP B 73 5.04 10.06 -17.37
C ASP B 73 5.22 11.03 -18.57
N GLU B 74 4.22 11.00 -19.49
CA GLU B 74 4.11 11.83 -20.68
C GLU B 74 4.03 13.32 -20.34
N LYS B 75 3.13 13.72 -19.42
CA LYS B 75 3.01 15.14 -19.03
C LYS B 75 4.36 15.69 -18.55
N TYR B 76 5.15 14.86 -17.86
CA TYR B 76 6.47 15.26 -17.38
C TYR B 76 7.45 15.47 -18.54
N ASN B 77 7.61 14.43 -19.40
CA ASN B 77 8.52 14.47 -20.55
C ASN B 77 8.19 15.63 -21.49
N PHE B 78 6.88 15.82 -21.73
CA PHE B 78 6.34 16.89 -22.57
C PHE B 78 6.75 18.26 -22.03
N GLU B 79 6.45 18.50 -20.75
CA GLU B 79 6.74 19.79 -20.14
C GLU B 79 8.22 20.12 -20.11
N THR B 80 9.06 19.06 -20.05
CA THR B 80 10.52 19.15 -20.06
C THR B 80 10.94 19.63 -21.47
N LEU B 81 10.40 18.98 -22.54
CA LEU B 81 10.68 19.35 -23.92
C LEU B 81 10.27 20.78 -24.24
N GLN B 82 9.10 21.20 -23.72
CA GLN B 82 8.54 22.54 -23.93
C GLN B 82 9.44 23.64 -23.36
N ALA B 83 10.04 23.36 -22.18
CA ALA B 83 10.88 24.31 -21.49
C ALA B 83 12.33 24.36 -21.96
N VAL B 84 12.98 23.18 -22.17
CA VAL B 84 14.42 23.12 -22.50
C VAL B 84 14.87 23.11 -23.98
N THR B 85 14.09 22.48 -24.85
CA THR B 85 14.47 22.26 -26.24
C THR B 85 14.63 23.49 -27.11
N VAL B 86 15.81 23.64 -27.74
CA VAL B 86 16.04 24.70 -28.73
C VAL B 86 15.78 24.00 -30.06
N PHE B 87 14.71 24.42 -30.80
CA PHE B 87 14.35 23.80 -32.07
C PHE B 87 15.34 24.12 -33.19
N LYS B 88 15.70 23.12 -34.03
CA LYS B 88 16.67 23.29 -35.13
C LYS B 88 16.14 24.15 -36.26
N SER B 89 16.95 25.13 -36.67
CA SER B 89 16.58 26.08 -37.71
C SER B 89 17.43 25.98 -38.98
N GLN B 90 16.85 26.50 -40.10
CA GLN B 90 17.46 26.57 -41.42
C GLN B 90 17.93 28.00 -41.60
N LYS B 91 19.27 28.18 -41.67
CA LYS B 91 19.89 29.50 -41.88
C LYS B 91 19.50 29.94 -43.30
N LEU B 92 18.68 31.00 -43.40
CA LEU B 92 18.15 31.55 -44.65
C LEU B 92 19.22 32.05 -45.60
N ILE B 93 18.99 31.86 -46.91
CA ILE B 93 19.91 32.28 -47.97
C ILE B 93 19.91 33.82 -48.19
N ILE B 94 18.73 34.46 -48.04
CA ILE B 94 18.51 35.90 -48.13
C ILE B 94 17.47 36.28 -47.05
N PRO B 95 17.86 37.07 -46.00
CA PRO B 95 16.91 37.40 -44.92
C PRO B 95 15.59 38.05 -45.35
N GLN B 96 14.49 37.70 -44.65
CA GLN B 96 13.13 38.17 -44.96
C GLN B 96 12.56 39.16 -43.92
N PRO B 97 12.08 40.35 -44.36
CA PRO B 97 11.52 41.30 -43.38
C PRO B 97 10.03 41.07 -43.06
N VAL B 98 9.55 41.69 -41.96
CA VAL B 98 8.15 41.60 -41.50
C VAL B 98 7.67 42.92 -40.85
N GLU B 99 6.37 43.25 -41.03
CA GLU B 99 5.71 44.44 -40.49
C GLU B 99 4.78 44.04 -39.33
N LEU B 100 4.81 44.79 -38.20
CA LEU B 100 3.95 44.48 -37.04
C LEU B 100 3.10 45.63 -36.53
N SER B 101 3.48 46.26 -35.40
CA SER B 101 2.74 47.36 -34.78
C SER B 101 3.66 48.23 -33.92
N GLU B 105 2.81 45.39 -30.91
CA GLU B 105 3.18 44.02 -31.27
C GLU B 105 4.68 43.85 -31.48
N LEU B 106 5.36 44.94 -31.93
CA LEU B 106 6.82 44.97 -32.18
C LEU B 106 7.62 44.78 -30.88
N VAL B 107 7.05 45.22 -29.72
CA VAL B 107 7.67 45.11 -28.40
C VAL B 107 7.68 43.67 -27.85
N VAL B 108 6.78 42.81 -28.36
CA VAL B 108 6.69 41.41 -27.96
C VAL B 108 7.94 40.65 -28.46
N LEU B 109 8.32 40.92 -29.72
CA LEU B 109 9.49 40.30 -30.37
C LEU B 109 10.80 40.83 -29.80
N LEU B 112 11.68 39.05 -26.26
CA LEU B 112 11.63 37.62 -25.92
C LEU B 112 12.57 36.67 -26.70
N PRO B 113 13.37 35.82 -25.97
CA PRO B 113 14.22 34.82 -26.66
C PRO B 113 13.49 33.46 -26.78
N VAL B 114 12.15 33.52 -26.87
CA VAL B 114 11.21 32.41 -27.04
C VAL B 114 11.20 32.10 -28.55
N PHE B 115 11.59 33.07 -29.37
CA PHE B 115 11.70 32.94 -30.82
C PHE B 115 12.90 32.09 -31.17
N GLU B 116 14.06 32.35 -30.51
CA GLU B 116 15.30 31.60 -30.67
C GLU B 116 15.09 30.11 -30.32
N LYS B 117 14.30 29.82 -29.24
CA LYS B 117 13.95 28.46 -28.77
C LYS B 117 13.08 27.73 -29.79
N ASN B 118 12.25 28.49 -30.53
CA ASN B 118 11.35 27.99 -31.57
C ASN B 118 11.99 28.06 -32.99
N GLY B 119 13.31 28.16 -33.06
CA GLY B 119 14.06 28.22 -34.31
C GLY B 119 13.97 29.51 -35.10
N PHE B 120 13.67 30.63 -34.42
CA PHE B 120 13.59 31.94 -35.07
C PHE B 120 14.72 32.87 -34.60
N LYS B 121 15.84 32.84 -35.34
CA LYS B 121 16.98 33.72 -35.06
C LYS B 121 16.67 35.04 -35.80
N LEU B 122 16.64 36.15 -35.07
CA LEU B 122 16.26 37.45 -35.64
C LEU B 122 17.38 38.50 -35.63
N LYS B 123 17.15 39.62 -36.36
CA LYS B 123 18.04 40.77 -36.43
C LYS B 123 17.22 42.05 -36.15
N ILE B 124 17.17 42.46 -34.87
CA ILE B 124 16.44 43.63 -34.35
C ILE B 124 17.20 44.18 -33.16
N SER B 132 8.03 49.54 -39.07
CA SER B 132 8.41 48.26 -38.48
C SER B 132 9.53 47.61 -39.29
N ARG B 133 10.73 47.44 -38.67
CA ARG B 133 11.89 46.85 -39.32
C ARG B 133 12.44 45.61 -38.58
N VAL B 134 11.83 44.45 -38.88
CA VAL B 134 12.18 43.14 -38.33
C VAL B 134 12.91 42.32 -39.42
N LYS B 135 13.90 41.50 -39.03
CA LYS B 135 14.67 40.67 -39.96
C LYS B 135 14.79 39.21 -39.51
N LEU B 136 14.18 38.30 -40.28
CA LEU B 136 14.17 36.85 -40.05
C LEU B 136 15.43 36.21 -40.65
N LEU B 137 16.37 35.80 -39.79
CA LEU B 137 17.64 35.17 -40.19
C LEU B 137 17.53 33.66 -40.35
N SER B 138 16.76 33.01 -39.45
CA SER B 138 16.55 31.56 -39.45
C SER B 138 15.09 31.19 -39.25
N LEU B 139 14.65 30.14 -39.93
CA LEU B 139 13.29 29.59 -39.84
C LEU B 139 13.40 28.14 -39.31
N PRO B 140 12.56 27.66 -38.36
CA PRO B 140 12.71 26.27 -37.88
C PRO B 140 12.51 25.23 -38.99
N THR B 141 13.19 24.07 -38.89
CA THR B 141 13.10 23.00 -39.90
C THR B 141 12.94 21.62 -39.32
N SER B 142 12.21 20.77 -40.06
CA SER B 142 11.95 19.36 -39.72
C SER B 142 11.84 18.56 -41.01
N LYS B 143 12.24 17.28 -40.99
CA LYS B 143 12.14 16.39 -42.16
C LYS B 143 10.69 15.92 -42.43
N GLN B 144 9.76 16.17 -41.46
CA GLN B 144 8.35 15.78 -41.51
C GLN B 144 7.30 16.91 -41.60
N THR B 145 7.75 18.19 -41.68
CA THR B 145 6.87 19.36 -41.80
C THR B 145 7.54 20.63 -42.31
N LEU B 146 6.72 21.51 -42.90
CA LEU B 146 7.12 22.79 -43.48
C LEU B 146 6.74 23.93 -42.53
N PHE B 147 7.65 24.92 -42.40
CA PHE B 147 7.44 26.08 -41.55
C PHE B 147 7.39 27.34 -42.40
N ASP B 148 6.53 28.29 -42.01
CA ASP B 148 6.30 29.54 -42.74
C ASP B 148 6.19 30.76 -41.82
N LEU B 149 5.74 31.90 -42.37
CA LEU B 149 5.56 33.15 -41.62
C LEU B 149 4.31 33.12 -40.77
N GLY B 150 3.34 32.29 -41.16
CA GLY B 150 2.09 32.09 -40.44
C GLY B 150 2.27 31.42 -39.10
N ASP B 151 3.40 30.70 -38.92
CA ASP B 151 3.83 30.03 -37.69
C ASP B 151 4.53 31.05 -36.78
N PHE B 152 5.31 31.99 -37.38
CA PHE B 152 6.00 33.08 -36.68
C PHE B 152 4.98 34.05 -36.09
N ASN B 153 3.90 34.32 -36.84
CA ASN B 153 2.79 35.20 -36.43
C ASN B 153 1.90 34.46 -35.41
N GLU B 154 1.81 33.12 -35.53
CA GLU B 154 1.06 32.28 -34.61
C GLU B 154 1.72 32.36 -33.23
N LEU B 155 3.07 32.30 -33.21
CA LEU B 155 3.87 32.42 -31.98
C LEU B 155 3.78 33.84 -31.43
N ILE B 156 3.62 34.86 -32.32
CA ILE B 156 3.45 36.25 -31.93
C ILE B 156 2.10 36.43 -31.19
N HIS B 157 1.04 35.73 -31.65
CA HIS B 157 -0.31 35.74 -31.06
C HIS B 157 -0.43 34.83 -29.84
N LEU B 158 0.38 33.75 -29.79
CA LEU B 158 0.34 32.80 -28.67
C LEU B 158 0.89 33.38 -27.37
N ILE B 159 1.76 34.41 -27.48
CA ILE B 159 2.33 35.11 -26.34
C ILE B 159 1.26 36.05 -25.76
N LYS B 160 0.38 36.60 -26.64
CA LYS B 160 -0.74 37.47 -26.25
C LYS B 160 -1.68 36.74 -25.27
N GLU B 161 -1.87 35.43 -25.47
CA GLU B 161 -2.69 34.57 -24.61
C GLU B 161 -1.90 34.13 -23.37
N LEU B 165 2.16 35.03 -15.61
CA LEU B 165 2.20 33.79 -16.40
C LEU B 165 3.62 33.49 -16.92
N ARG B 166 3.90 32.21 -17.27
CA ARG B 166 5.19 31.71 -17.80
C ARG B 166 5.17 31.79 -19.32
N ARG B 167 6.06 32.58 -19.95
CA ARG B 167 6.10 32.71 -21.42
C ARG B 167 7.31 32.03 -22.05
N ASP B 168 8.30 31.61 -21.22
CA ASP B 168 9.53 30.97 -21.69
C ASP B 168 9.32 29.57 -22.29
N ASN B 169 8.23 28.89 -21.87
CA ASN B 169 7.90 27.55 -22.34
C ASN B 169 6.85 27.55 -23.47
N ILE B 170 6.53 28.73 -24.06
CA ILE B 170 5.52 28.87 -25.14
C ILE B 170 6.05 28.34 -26.46
N ARG B 171 5.24 27.52 -27.16
CA ARG B 171 5.61 26.90 -28.44
C ARG B 171 4.49 27.00 -29.48
N CYS B 172 4.84 27.27 -30.76
CA CYS B 172 3.86 27.32 -31.86
C CYS B 172 3.30 25.92 -32.05
N SER B 173 1.97 25.82 -32.27
CA SER B 173 1.26 24.55 -32.40
C SER B 173 1.97 23.43 -33.16
N LYS B 174 2.67 23.75 -34.27
CA LYS B 174 3.43 22.76 -35.05
C LYS B 174 4.48 22.10 -34.15
N ILE B 175 5.32 22.91 -33.47
CA ILE B 175 6.34 22.45 -32.54
C ILE B 175 5.72 21.71 -31.33
N ARG B 176 4.66 22.31 -30.73
CA ARG B 176 3.95 21.75 -29.59
C ARG B 176 3.51 20.31 -29.86
N SER B 177 2.87 20.09 -31.04
CA SER B 177 2.37 18.81 -31.52
C SER B 177 3.47 17.79 -31.67
N MET B 178 4.63 18.21 -32.19
CA MET B 178 5.79 17.35 -32.38
C MET B 178 6.36 16.89 -31.03
N PHE B 179 6.39 17.79 -30.02
CA PHE B 179 6.86 17.49 -28.67
C PHE B 179 5.88 16.57 -27.96
N ALA B 180 4.57 16.74 -28.23
CA ALA B 180 3.52 15.91 -27.68
C ALA B 180 3.68 14.49 -28.20
N MET B 181 4.06 14.32 -29.48
CA MET B 181 4.28 12.98 -30.04
C MET B 181 5.58 12.38 -29.52
N ARG B 182 6.66 13.21 -29.37
CA ARG B 182 7.97 12.81 -28.85
C ARG B 182 7.78 12.19 -27.45
N ALA B 183 7.03 12.92 -26.59
CA ALA B 183 6.70 12.53 -25.22
C ALA B 183 5.89 11.21 -25.21
N CYS B 184 4.84 11.14 -26.02
CA CYS B 184 3.97 9.96 -26.12
C CYS B 184 4.73 8.69 -26.52
N ARG B 185 5.65 8.82 -27.49
CA ARG B 185 6.43 7.70 -27.98
C ARG B 185 7.54 7.24 -27.03
N SER B 186 8.14 8.17 -26.29
CA SER B 186 9.23 7.86 -25.38
C SER B 186 8.81 7.44 -23.96
N SER B 187 7.63 7.88 -23.51
CA SER B 187 7.09 7.60 -22.18
C SER B 187 6.76 6.15 -21.92
N ILE B 188 6.52 5.83 -20.62
CA ILE B 188 6.17 4.49 -20.13
C ILE B 188 4.89 4.04 -20.82
N MET B 189 4.92 2.80 -21.35
CA MET B 189 3.75 2.23 -21.99
C MET B 189 2.78 1.64 -20.97
N ILE B 190 1.48 1.62 -21.31
CA ILE B 190 0.45 0.92 -20.54
C ILE B 190 0.69 -0.57 -20.88
N GLY B 191 0.69 -1.40 -19.85
CA GLY B 191 0.95 -2.84 -19.94
C GLY B 191 2.37 -3.15 -19.52
N LYS B 192 3.16 -2.10 -19.20
CA LYS B 192 4.54 -2.30 -18.76
C LYS B 192 4.55 -2.50 -17.27
N PRO B 193 5.06 -3.67 -16.79
CA PRO B 193 5.19 -3.87 -15.33
C PRO B 193 6.25 -2.92 -14.76
N LEU B 194 5.93 -2.25 -13.64
CA LEU B 194 6.82 -1.26 -13.03
C LEU B 194 7.09 -1.63 -11.59
N ASN B 195 8.33 -1.31 -11.14
CA ASN B 195 8.74 -1.54 -9.77
C ASN B 195 8.51 -0.29 -8.89
N LYS B 196 8.59 -0.42 -7.55
CA LYS B 196 8.33 0.71 -6.67
C LYS B 196 9.15 1.94 -7.04
N LYS B 197 10.44 1.73 -7.33
CA LYS B 197 11.39 2.78 -7.63
C LYS B 197 10.95 3.66 -8.77
N THR B 198 10.57 3.03 -9.89
CA THR B 198 10.07 3.68 -11.10
C THR B 198 8.78 4.43 -10.80
N MET B 199 7.78 3.74 -10.18
CA MET B 199 6.47 4.31 -9.88
C MET B 199 6.58 5.57 -9.02
N THR B 200 7.52 5.54 -8.03
CA THR B 200 7.82 6.64 -7.10
C THR B 200 8.34 7.87 -7.85
N ARG B 201 9.26 7.64 -8.81
CA ARG B 201 9.84 8.69 -9.66
C ARG B 201 8.75 9.37 -10.45
N VAL B 202 7.87 8.56 -11.10
CA VAL B 202 6.75 9.00 -11.95
C VAL B 202 5.82 9.94 -11.19
N VAL B 203 5.43 9.57 -9.96
CA VAL B 203 4.52 10.36 -9.13
C VAL B 203 5.18 11.65 -8.61
N HIS B 204 6.36 11.50 -8.01
CA HIS B 204 7.12 12.61 -7.43
C HIS B 204 7.46 13.67 -8.48
N ASN B 205 7.76 13.24 -9.74
CA ASN B 205 8.04 14.12 -10.88
C ASN B 205 6.92 15.11 -11.14
N LEU B 206 5.65 14.74 -10.81
CA LEU B 206 4.48 15.61 -10.99
C LEU B 206 4.50 16.88 -10.09
N SER B 207 5.30 16.87 -8.98
CA SER B 207 5.46 18.02 -8.07
C SER B 207 6.22 19.18 -8.73
N GLU B 208 6.94 18.88 -9.82
CA GLU B 208 7.76 19.80 -10.58
C GLU B 208 6.94 20.63 -11.59
N LEU B 209 5.72 20.17 -11.90
CA LEU B 209 4.85 20.78 -12.91
C LEU B 209 3.71 21.60 -12.32
N ASP B 210 3.17 22.54 -13.10
CA ASP B 210 2.03 23.31 -12.63
C ASP B 210 0.71 22.69 -13.10
N LYS B 211 -0.18 22.36 -12.11
CA LYS B 211 -1.49 21.70 -12.26
C LYS B 211 -1.42 20.57 -13.33
N PRO B 212 -0.61 19.51 -13.07
CA PRO B 212 -0.42 18.45 -14.08
C PRO B 212 -1.57 17.45 -14.16
N TRP B 213 -2.80 17.95 -14.25
CA TRP B 213 -3.99 17.12 -14.30
C TRP B 213 -4.23 16.39 -15.59
N ASN B 214 -3.68 16.90 -16.71
CA ASN B 214 -3.85 16.31 -18.03
C ASN B 214 -2.56 16.17 -18.79
N CYS B 215 -2.51 15.18 -19.69
CA CYS B 215 -1.38 14.94 -20.60
C CYS B 215 -1.54 15.98 -21.73
N PRO B 216 -0.55 16.16 -22.64
CA PRO B 216 -0.73 17.16 -23.72
C PRO B 216 -1.91 16.90 -24.67
N HIS B 217 -2.48 15.68 -24.69
CA HIS B 217 -3.61 15.33 -25.55
C HIS B 217 -4.94 15.57 -24.85
N GLY B 218 -4.88 15.92 -23.56
CA GLY B 218 -6.06 16.22 -22.76
C GLY B 218 -6.63 15.08 -21.94
N ARG B 219 -5.87 13.98 -21.82
CA ARG B 219 -6.26 12.80 -21.06
C ARG B 219 -5.85 12.97 -19.60
N PRO B 220 -6.64 12.49 -18.62
CA PRO B 220 -6.25 12.71 -17.22
C PRO B 220 -5.04 11.89 -16.81
N THR B 221 -4.18 12.51 -15.97
CA THR B 221 -2.96 11.87 -15.47
C THR B 221 -3.32 11.10 -14.22
N MET B 222 -4.17 11.70 -13.38
CA MET B 222 -4.59 11.12 -12.10
C MET B 222 -6.00 11.56 -11.69
N ARG B 223 -6.55 10.85 -10.68
CA ARG B 223 -7.87 11.12 -10.11
C ARG B 223 -7.92 10.61 -8.69
N HIS B 224 -8.73 11.27 -7.85
CA HIS B 224 -8.95 10.88 -6.46
C HIS B 224 -9.79 9.61 -6.47
N LEU B 225 -9.35 8.59 -5.71
CA LEU B 225 -10.11 7.35 -5.58
C LEU B 225 -11.07 7.51 -4.42
N MET B 226 -10.53 7.59 -3.18
CA MET B 226 -11.29 7.69 -1.94
C MET B 226 -10.52 8.31 -0.79
N GLU B 227 -11.27 8.89 0.16
CA GLU B 227 -10.74 9.45 1.38
C GLU B 227 -10.80 8.33 2.43
N LEU B 228 -9.72 8.13 3.20
CA LEU B 228 -9.63 7.16 4.30
C LEU B 228 -9.67 7.95 5.61
N ARG B 229 -10.87 8.34 6.02
CA ARG B 229 -11.08 9.14 7.22
C ARG B 229 -11.42 8.25 8.43
N ASP B 230 -12.60 7.58 8.40
CA ASP B 230 -13.05 6.68 9.46
C ASP B 230 -13.27 5.23 8.98
N TRP B 231 -12.18 4.44 9.07
CA TRP B 231 -12.10 3.02 8.73
C TRP B 231 -11.71 2.38 10.05
N SER B 232 -12.68 1.87 10.81
CA SER B 232 -12.37 1.29 12.11
C SER B 232 -12.03 -0.16 11.90
N SER B 233 -10.74 -0.41 11.59
CA SER B 233 -10.20 -1.73 11.33
C SER B 233 -10.10 -2.64 12.56
N PHE B 234 -9.92 -3.95 12.30
CA PHE B 234 -9.79 -5.02 13.29
C PHE B 234 -8.71 -4.67 14.33
N SER B 235 -9.05 -4.79 15.63
CA SER B 235 -8.16 -4.45 16.72
C SER B 235 -8.20 -5.42 17.90
N LYS B 236 -8.96 -6.52 17.78
CA LYS B 236 -9.13 -7.55 18.82
C LYS B 236 -7.83 -8.05 19.45
N ASP B 237 -6.74 -8.15 18.66
CA ASP B 237 -5.42 -8.57 19.12
C ASP B 237 -4.74 -7.65 20.16
N TYR B 238 -5.22 -6.39 20.31
CA TYR B 238 -4.66 -5.46 21.30
C TYR B 238 -5.65 -5.13 22.38
N GLU B 239 -6.80 -5.80 22.38
CA GLU B 239 -7.89 -5.59 23.34
C GLU B 239 -7.82 -6.51 24.55
N ILE B 240 -8.02 -5.97 25.74
CA ILE B 240 -8.08 -6.77 26.96
C ILE B 240 -9.40 -6.46 27.72
N THR C 1 -15.15 -38.31 20.15
CA THR C 1 -14.62 -38.61 21.47
C THR C 1 -14.40 -37.36 22.35
N ARG C 2 -14.03 -37.58 23.62
CA ARG C 2 -13.71 -36.51 24.57
C ARG C 2 -12.19 -36.53 24.95
N SER C 3 -11.65 -35.35 25.34
CA SER C 3 -10.25 -35.12 25.74
C SER C 3 -9.99 -35.53 27.19
N LYS C 4 -8.85 -36.24 27.39
CA LYS C 4 -8.35 -36.71 28.68
C LYS C 4 -8.12 -35.53 29.61
N PHE C 5 -7.65 -34.39 29.05
CA PHE C 5 -7.34 -33.16 29.78
C PHE C 5 -8.54 -32.43 30.39
N PHE C 6 -9.76 -32.87 30.02
CA PHE C 6 -11.01 -32.30 30.50
C PHE C 6 -11.84 -33.41 31.15
N ASN C 7 -11.55 -33.66 32.44
CA ASN C 7 -12.17 -34.71 33.26
C ASN C 7 -12.36 -34.18 34.69
#